data_8OLS
#
_entry.id   8OLS
#
_cell.length_a   89.016
_cell.length_b   94.961
_cell.length_c   223.855
_cell.angle_alpha   90.00
_cell.angle_beta   90.00
_cell.angle_gamma   90.00
#
_symmetry.space_group_name_H-M   'P 21 21 21'
#
loop_
_entity.id
_entity.type
_entity.pdbx_description
1 polymer 'Group IIC intron'
2 non-polymer 'MAGNESIUM ION'
3 non-polymer 'POTASSIUM ION'
4 non-polymer SPERMINE
5 non-polymer '4-(2-HYDROXYETHYL)-1-PIPERAZINE ETHANESULFONIC ACID'
6 non-polymer ~{N}-(2-pyrrolidin-1-ylethyl)-2-[3,4,5-tris(oxidanyl)phenyl]carbonyl-1-benzofuran-5-carboxamide
7 water water
#
_entity_poly.entity_id   1
_entity_poly.type   'polyribonucleotide'
_entity_poly.pdbx_seq_one_letter_code
;GGGGUGUGCCCGGCAUGGGUGCAGUCUAUAGGGUGAGAGUCCCGAACUGUGAAGGCAGAAGUAACAGUUAGCCUAACGCA
AGGGUGUCCGUGGCGACAUGGAAUCUGAAGGAAGCGGACGGCAAACCUUCGGUCUGAGGAACACGAACUUCAUAUGAGGC
UAGGUAUCAAUGGAUGAGUUUGCAUAACAAAACAAAGUCCUUUCUGCCAAAGUUGGUACAGAGUAAAUGAAGCAGAUUGA
UGAAGGGAAAGACUGCAUUCUUACCCGGGGAGGUCUGGAAACAGAAGUCAGCAGAAGUCAUAGUACCCUGUUCGCAGGGG
AAGGACGGAACAAGUAUGGCGUUCGCGCCUAAGCUUGAACCGCCGUAUACCGAACGGUACGUACGGUGGUGUGG
;
_entity_poly.pdbx_strand_id   A
#